data_8UDH
#
_entry.id   8UDH
#
_cell.length_a   133.473
_cell.length_b   133.473
_cell.length_c   103.738
_cell.angle_alpha   90.000
_cell.angle_beta   90.000
_cell.angle_gamma   120.000
#
_symmetry.space_group_name_H-M   'H 3'
#
loop_
_entity.id
_entity.type
_entity.pdbx_description
1 polymer Glutathione-S-Transferase
2 non-polymer L-gamma-glutamyl-S-(benzylcarbamothioyl)-L-cysteinylglycine
3 non-polymer 'MALONATE ION'
4 water water
#
_entity_poly.entity_id   1
_entity_poly.type   'polypeptide(L)'
_entity_poly.pdbx_seq_one_letter_code
;MAPILGYWKIRGLCDPIRLLLAHTGQEYEMKEYSIGPEPGYDISEWLDEKFNLGLDFPNLPYYIDKDEGVKITQTVAIIR
YLARKHGLVGESDEETIKIEMVEQQAIELTLTCKRAFYSKDDDQFNQLKEEILTSFPRKLIDLAKFLGENQYIIGDRITY
VDFMLWSILDYLRLFEESLFDEASSLKDYLTRIESLPGIEKYRSSDDFKRLPITAPMAKFGGSIE
;
_entity_poly.pdbx_strand_id   A,B
#
loop_
_chem_comp.id
_chem_comp.type
_chem_comp.name
_chem_comp.formula
MLI non-polymer 'MALONATE ION' 'C3 H2 O4 -2'
WK6 non-polymer L-gamma-glutamyl-S-(benzylcarbamothioyl)-L-cysteinylglycine 'C18 H24 N4 O6 S2'
#
# COMPACT_ATOMS: atom_id res chain seq x y z
N ALA A 2 -2.98 28.85 5.28
CA ALA A 2 -3.41 27.88 4.24
C ALA A 2 -2.56 26.62 4.35
N PRO A 3 -3.18 25.42 4.27
CA PRO A 3 -2.40 24.19 4.23
C PRO A 3 -1.50 24.14 3.00
N ILE A 4 -0.42 23.37 3.10
CA ILE A 4 0.63 23.26 2.10
C ILE A 4 0.72 21.81 1.68
N LEU A 5 0.60 21.58 0.38
CA LEU A 5 0.91 20.28 -0.20
C LEU A 5 2.23 20.38 -0.96
N GLY A 6 3.17 19.50 -0.62
CA GLY A 6 4.48 19.46 -1.26
C GLY A 6 4.63 18.25 -2.18
N TYR A 7 5.18 18.46 -3.39
CA TYR A 7 5.45 17.40 -4.34
C TYR A 7 6.30 17.89 -5.49
N TRP A 8 6.85 16.91 -6.23
CA TRP A 8 7.53 17.17 -7.49
C TRP A 8 6.55 17.83 -8.45
N LYS A 9 7.08 18.47 -9.50
CA LYS A 9 6.30 18.99 -10.61
C LYS A 9 5.94 17.89 -11.59
N ILE A 10 5.21 16.88 -11.11
CA ILE A 10 4.71 15.78 -11.91
C ILE A 10 3.35 15.40 -11.32
N ARG A 11 2.56 14.64 -12.07
CA ARG A 11 1.34 14.05 -11.52
C ARG A 11 1.75 12.97 -10.48
N GLY A 12 2.45 11.91 -10.92
CA GLY A 12 2.99 10.87 -10.06
C GLY A 12 1.97 10.34 -9.04
N LEU A 13 2.44 10.11 -7.80
CA LEU A 13 1.69 9.52 -6.71
C LEU A 13 0.72 10.52 -6.10
N CYS A 14 0.96 11.82 -6.32
CA CYS A 14 0.22 12.85 -5.63
C CYS A 14 -1.06 13.19 -6.39
N ASP A 15 -1.21 12.68 -7.61
CA ASP A 15 -2.32 13.00 -8.48
C ASP A 15 -3.67 12.82 -7.77
N PRO A 16 -4.00 11.66 -7.15
CA PRO A 16 -5.31 11.52 -6.51
C PRO A 16 -5.57 12.55 -5.40
N ILE A 17 -4.53 12.96 -4.67
CA ILE A 17 -4.69 13.97 -3.63
C ILE A 17 -5.13 15.27 -4.28
N ARG A 18 -4.47 15.63 -5.40
CA ARG A 18 -4.78 16.90 -6.06
C ARG A 18 -6.17 16.86 -6.68
N LEU A 19 -6.60 15.69 -7.15
CA LEU A 19 -7.96 15.54 -7.67
C LEU A 19 -8.99 15.71 -6.55
N LEU A 20 -8.76 15.10 -5.38
CA LEU A 20 -9.66 15.25 -4.24
C LEU A 20 -9.76 16.71 -3.81
N LEU A 21 -8.60 17.39 -3.68
CA LEU A 21 -8.58 18.81 -3.36
C LEU A 21 -9.29 19.65 -4.43
N ALA A 22 -9.13 19.33 -5.72
CA ALA A 22 -9.85 20.06 -6.77
C ALA A 22 -11.36 19.81 -6.67
N HIS A 23 -11.77 18.56 -6.48
CA HIS A 23 -13.18 18.23 -6.33
C HIS A 23 -13.81 19.00 -5.16
N THR A 24 -13.13 19.05 -4.01
CA THR A 24 -13.71 19.65 -2.84
C THR A 24 -13.61 21.17 -2.87
N GLY A 25 -12.68 21.69 -3.67
CA GLY A 25 -12.46 23.15 -3.72
C GLY A 25 -11.66 23.66 -2.54
N GLN A 26 -11.01 22.77 -1.80
CA GLN A 26 -10.27 23.20 -0.59
C GLN A 26 -9.12 24.13 -0.97
N GLU A 27 -8.96 25.21 -0.22
CA GLU A 27 -7.82 26.13 -0.45
C GLU A 27 -6.54 25.48 0.09
N TYR A 28 -5.49 25.52 -0.71
CA TYR A 28 -4.18 24.99 -0.27
C TYR A 28 -3.06 25.61 -1.12
N GLU A 29 -1.86 25.62 -0.56
CA GLU A 29 -0.69 26.10 -1.32
C GLU A 29 0.03 24.88 -1.89
N MET A 30 0.27 24.88 -3.19
CA MET A 30 1.04 23.78 -3.81
C MET A 30 2.53 24.16 -3.79
N LYS A 31 3.33 23.48 -2.97
CA LYS A 31 4.79 23.70 -2.97
C LYS A 31 5.40 22.69 -3.94
N GLU A 32 5.92 23.18 -5.06
CA GLU A 32 6.43 22.31 -6.10
C GLU A 32 7.96 22.29 -6.06
N TYR A 33 8.54 21.09 -6.16
CA TYR A 33 9.99 20.93 -6.23
C TYR A 33 10.39 20.56 -7.64
N SER A 34 11.32 21.34 -8.18
CA SER A 34 11.91 21.14 -9.48
C SER A 34 12.84 19.93 -9.47
N ILE A 35 12.89 19.27 -10.62
CA ILE A 35 13.99 18.39 -10.96
C ILE A 35 14.80 19.10 -12.05
N GLY A 36 16.10 19.30 -11.80
CA GLY A 36 16.96 19.98 -12.75
C GLY A 36 17.11 19.21 -14.05
N PRO A 37 17.81 19.76 -15.07
CA PRO A 37 17.93 19.09 -16.36
C PRO A 37 18.91 17.92 -16.34
N GLU A 38 18.80 17.03 -17.33
CA GLU A 38 19.76 15.91 -17.43
C GLU A 38 21.15 16.50 -17.75
N PRO A 39 22.26 15.90 -17.27
CA PRO A 39 22.22 14.57 -16.68
C PRO A 39 22.21 14.56 -15.14
N GLY A 40 22.21 15.74 -14.51
CA GLY A 40 22.28 15.80 -13.04
C GLY A 40 20.95 15.60 -12.35
N TYR A 41 19.83 15.83 -13.04
CA TYR A 41 18.49 15.73 -12.41
C TYR A 41 18.60 16.32 -10.99
N ASP A 42 19.11 17.54 -10.90
CA ASP A 42 19.33 18.21 -9.62
C ASP A 42 18.01 18.36 -8.84
N ILE A 43 18.03 17.96 -7.57
CA ILE A 43 16.81 18.04 -6.71
C ILE A 43 17.20 18.74 -5.42
N SER A 44 18.02 19.77 -5.51
CA SER A 44 18.56 20.47 -4.31
C SER A 44 17.48 21.11 -3.44
N GLU A 45 16.49 21.76 -4.04
CA GLU A 45 15.46 22.49 -3.27
C GLU A 45 14.76 21.52 -2.29
N TRP A 46 14.50 20.29 -2.73
CA TRP A 46 13.92 19.28 -1.82
C TRP A 46 14.99 18.77 -0.85
N LEU A 47 16.18 18.43 -1.36
CA LEU A 47 17.17 17.80 -0.47
C LEU A 47 17.54 18.75 0.67
N ASP A 48 17.52 20.07 0.39
CA ASP A 48 17.82 21.09 1.38
C ASP A 48 16.72 21.26 2.42
N GLU A 49 15.50 20.80 2.13
CA GLU A 49 14.36 20.99 3.03
C GLU A 49 13.87 19.68 3.65
N LYS A 50 14.21 18.54 3.02
CA LYS A 50 13.69 17.24 3.39
C LYS A 50 13.66 17.06 4.92
N PHE A 51 14.79 17.39 5.55
CA PHE A 51 15.03 17.17 6.97
C PHE A 51 14.76 18.42 7.82
N ASN A 52 14.23 19.52 7.26
CA ASN A 52 14.00 20.73 8.05
C ASN A 52 12.54 21.17 8.04
N LEU A 53 11.59 20.22 7.89
CA LEU A 53 10.18 20.56 7.82
C LEU A 53 9.42 20.02 9.03
N GLY A 54 10.11 19.26 9.90
CA GLY A 54 9.49 18.70 11.08
C GLY A 54 8.73 17.42 10.78
N LEU A 55 8.97 16.85 9.60
CA LEU A 55 8.29 15.61 9.17
C LEU A 55 8.87 14.39 9.91
N ASP A 56 7.98 13.52 10.40
CA ASP A 56 8.43 12.29 11.11
C ASP A 56 9.05 11.32 10.10
N PHE A 57 8.45 11.22 8.92
CA PHE A 57 8.96 10.31 7.86
C PHE A 57 9.20 11.17 6.62
N PRO A 58 10.32 11.92 6.57
CA PRO A 58 10.57 12.87 5.48
C PRO A 58 10.41 12.25 4.08
N ASN A 59 9.50 12.82 3.29
CA ASN A 59 9.21 12.25 1.95
C ASN A 59 8.28 13.17 1.15
N LEU A 60 8.11 12.86 -0.12
CA LEU A 60 7.15 13.60 -0.97
C LEU A 60 6.18 12.54 -1.53
N PRO A 61 4.85 12.73 -1.42
CA PRO A 61 4.29 14.01 -0.96
C PRO A 61 4.21 14.29 0.55
N TYR A 62 4.03 15.56 0.91
CA TYR A 62 3.82 15.96 2.32
C TYR A 62 2.66 16.93 2.40
N TYR A 63 2.00 17.00 3.55
CA TYR A 63 0.89 17.87 3.79
C TYR A 63 1.09 18.48 5.16
N ILE A 64 1.13 19.81 5.19
CA ILE A 64 1.37 20.55 6.41
C ILE A 64 0.27 21.59 6.55
N ASP A 65 -0.46 21.53 7.67
CA ASP A 65 -1.46 22.52 8.04
C ASP A 65 -1.10 23.02 9.44
N LYS A 66 -0.37 24.13 9.52
CA LYS A 66 0.10 24.71 10.77
C LYS A 66 -1.07 25.06 11.71
N ASP A 67 -2.16 25.60 11.15
CA ASP A 67 -3.33 25.98 11.92
C ASP A 67 -3.98 24.77 12.61
N GLU A 68 -4.04 23.61 11.94
CA GLU A 68 -4.65 22.44 12.54
C GLU A 68 -3.63 21.61 13.33
N GLY A 69 -2.36 21.99 13.29
CA GLY A 69 -1.27 21.26 13.90
C GLY A 69 -0.97 19.90 13.25
N VAL A 70 -1.08 19.76 11.92
CA VAL A 70 -0.79 18.46 11.31
C VAL A 70 0.37 18.59 10.33
N LYS A 71 1.18 17.52 10.31
CA LYS A 71 2.24 17.32 9.35
C LYS A 71 2.24 15.85 8.97
N ILE A 72 1.96 15.58 7.70
CA ILE A 72 1.76 14.16 7.29
C ILE A 72 2.57 13.82 6.04
N THR A 73 3.13 12.62 6.02
CA THR A 73 3.76 12.08 4.80
C THR A 73 3.02 10.77 4.52
N GLN A 74 3.36 10.07 3.45
CA GLN A 74 2.66 8.82 3.03
C GLN A 74 1.39 9.21 2.29
N THR A 75 1.37 9.01 0.97
CA THR A 75 0.23 9.40 0.11
C THR A 75 -1.10 8.91 0.68
N VAL A 76 -1.17 7.65 1.10
CA VAL A 76 -2.44 7.04 1.58
C VAL A 76 -2.85 7.69 2.91
N ALA A 77 -1.90 7.94 3.80
CA ALA A 77 -2.26 8.62 5.03
C ALA A 77 -2.79 10.04 4.76
N ILE A 78 -2.19 10.75 3.80
CA ILE A 78 -2.63 12.09 3.47
C ILE A 78 -4.04 12.05 2.87
N ILE A 79 -4.28 11.16 1.90
CA ILE A 79 -5.54 11.19 1.21
C ILE A 79 -6.65 10.72 2.17
N ARG A 80 -6.37 9.76 3.06
CA ARG A 80 -7.39 9.35 4.02
C ARG A 80 -7.71 10.48 5.01
N TYR A 81 -6.69 11.19 5.50
CA TYR A 81 -6.90 12.37 6.34
C TYR A 81 -7.84 13.37 5.64
N LEU A 82 -7.53 13.68 4.36
CA LEU A 82 -8.33 14.66 3.62
C LEU A 82 -9.73 14.13 3.38
N ALA A 83 -9.82 12.82 3.13
CA ALA A 83 -11.13 12.19 2.90
C ALA A 83 -12.00 12.30 4.15
N ARG A 84 -11.44 12.08 5.35
CA ARG A 84 -12.24 12.17 6.56
C ARG A 84 -12.71 13.61 6.80
N LYS A 85 -11.81 14.57 6.56
N LYS A 85 -11.84 14.58 6.52
CA LYS A 85 -12.08 15.99 6.73
CA LYS A 85 -12.17 16.01 6.75
C LYS A 85 -13.23 16.42 5.81
C LYS A 85 -13.24 16.48 5.76
N HIS A 86 -13.33 15.82 4.61
CA HIS A 86 -14.26 16.27 3.58
C HIS A 86 -15.49 15.36 3.49
N GLY A 87 -15.57 14.33 4.34
CA GLY A 87 -16.71 13.42 4.32
C GLY A 87 -16.67 12.41 3.15
N LEU A 88 -15.53 12.14 2.53
CA LEU A 88 -15.45 11.33 1.33
C LEU A 88 -15.04 9.90 1.70
N VAL A 89 -15.68 9.39 2.76
CA VAL A 89 -15.36 8.11 3.35
C VAL A 89 -16.69 7.33 3.46
N GLY A 90 -16.60 6.06 3.88
CA GLY A 90 -17.75 5.19 4.00
C GLY A 90 -18.62 5.64 5.16
N GLU A 91 -19.94 5.47 5.01
CA GLU A 91 -20.90 5.81 6.10
C GLU A 91 -21.42 4.52 6.71
N SER A 92 -20.76 3.39 6.45
CA SER A 92 -21.13 2.07 7.01
C SER A 92 -19.86 1.20 6.99
N ASP A 93 -19.82 0.14 7.78
CA ASP A 93 -18.64 -0.77 7.68
C ASP A 93 -18.68 -1.46 6.33
N GLU A 94 -19.87 -1.74 5.81
CA GLU A 94 -19.99 -2.36 4.45
C GLU A 94 -19.32 -1.44 3.42
N GLU A 95 -19.64 -0.15 3.46
CA GLU A 95 -19.03 0.82 2.52
C GLU A 95 -17.51 0.89 2.75
N THR A 96 -17.06 0.91 4.00
CA THR A 96 -15.61 1.05 4.31
C THR A 96 -14.84 -0.16 3.77
N ILE A 97 -15.37 -1.38 3.94
CA ILE A 97 -14.71 -2.61 3.41
C ILE A 97 -14.55 -2.48 1.89
N LYS A 98 -15.60 -2.07 1.20
CA LYS A 98 -15.57 -1.92 -0.27
C LYS A 98 -14.52 -0.88 -0.67
N ILE A 99 -14.53 0.28 -0.02
CA ILE A 99 -13.58 1.39 -0.31
C ILE A 99 -12.13 0.90 -0.11
N GLU A 100 -11.88 0.19 0.99
CA GLU A 100 -10.50 -0.26 1.32
C GLU A 100 -10.04 -1.37 0.38
N MET A 101 -10.94 -2.24 -0.05
CA MET A 101 -10.55 -3.29 -1.05
C MET A 101 -10.14 -2.60 -2.36
N VAL A 102 -10.92 -1.63 -2.82
CA VAL A 102 -10.62 -0.89 -4.09
C VAL A 102 -9.36 -0.02 -3.91
N GLU A 103 -9.20 0.61 -2.75
CA GLU A 103 -7.99 1.41 -2.45
C GLU A 103 -6.76 0.53 -2.73
N GLN A 104 -6.77 -0.69 -2.20
CA GLN A 104 -5.62 -1.62 -2.31
C GLN A 104 -5.46 -2.11 -3.76
N GLN A 105 -6.57 -2.41 -4.43
CA GLN A 105 -6.51 -2.84 -5.84
C GLN A 105 -5.93 -1.70 -6.71
N ALA A 106 -6.33 -0.45 -6.45
CA ALA A 106 -5.83 0.70 -7.22
C ALA A 106 -4.33 0.88 -6.96
N ILE A 107 -3.91 0.77 -5.70
CA ILE A 107 -2.47 0.92 -5.34
C ILE A 107 -1.65 -0.18 -6.02
N GLU A 108 -2.18 -1.41 -6.04
CA GLU A 108 -1.47 -2.56 -6.63
C GLU A 108 -1.19 -2.26 -8.11
N LEU A 109 -2.21 -1.79 -8.84
CA LEU A 109 -2.04 -1.41 -10.26
C LEU A 109 -1.05 -0.25 -10.37
N THR A 110 -1.15 0.74 -9.48
CA THR A 110 -0.30 1.96 -9.52
C THR A 110 1.17 1.58 -9.30
N LEU A 111 1.44 0.71 -8.32
CA LEU A 111 2.83 0.31 -8.00
C LEU A 111 3.42 -0.50 -9.17
N THR A 112 2.61 -1.35 -9.77
CA THR A 112 3.08 -2.16 -10.93
C THR A 112 3.47 -1.19 -12.05
N CYS A 113 2.62 -0.20 -12.31
CA CYS A 113 2.94 0.80 -13.33
C CYS A 113 4.20 1.61 -12.97
N LYS A 114 4.30 2.05 -11.71
CA LYS A 114 5.44 2.81 -11.22
C LYS A 114 6.73 2.03 -11.47
N ARG A 115 6.75 0.75 -11.07
CA ARG A 115 7.92 -0.08 -11.26
C ARG A 115 8.27 -0.17 -12.75
N ALA A 116 7.26 -0.40 -13.61
CA ALA A 116 7.50 -0.42 -15.05
C ALA A 116 8.07 0.92 -15.54
N PHE A 117 7.42 2.03 -15.18
CA PHE A 117 7.75 3.35 -15.70
C PHE A 117 9.19 3.74 -15.34
N TYR A 118 9.69 3.30 -14.19
CA TYR A 118 11.02 3.67 -13.69
C TYR A 118 11.99 2.50 -13.79
N SER A 119 11.73 1.56 -14.69
CA SER A 119 12.62 0.46 -14.99
C SER A 119 14.00 1.00 -15.38
N LYS A 120 15.04 0.21 -15.06
CA LYS A 120 16.44 0.58 -15.25
C LYS A 120 16.82 0.50 -16.74
N ASP A 121 16.31 -0.52 -17.41
CA ASP A 121 16.69 -0.71 -18.82
C ASP A 121 15.49 -1.12 -19.66
N ASP A 122 15.72 -1.41 -20.93
CA ASP A 122 14.67 -1.86 -21.85
C ASP A 122 14.24 -3.28 -21.50
N ASP A 123 15.17 -4.15 -21.10
CA ASP A 123 14.81 -5.52 -20.74
C ASP A 123 13.79 -5.52 -19.62
N GLN A 124 14.10 -4.82 -18.52
CA GLN A 124 13.23 -4.79 -17.35
C GLN A 124 11.90 -4.10 -17.65
N PHE A 125 11.93 -2.99 -18.42
CA PHE A 125 10.75 -2.25 -18.82
C PHE A 125 9.83 -3.17 -19.62
N ASN A 126 10.42 -3.94 -20.56
CA ASN A 126 9.66 -4.82 -21.43
C ASN A 126 9.07 -5.98 -20.66
N GLN A 127 9.82 -6.56 -19.73
CA GLN A 127 9.30 -7.60 -18.85
C GLN A 127 8.07 -7.11 -18.08
N LEU A 128 8.14 -5.89 -17.53
CA LEU A 128 7.06 -5.42 -16.67
C LEU A 128 5.88 -4.97 -17.53
N LYS A 129 6.16 -4.47 -18.73
CA LYS A 129 5.06 -4.10 -19.66
C LYS A 129 4.34 -5.37 -20.06
N GLU A 130 5.08 -6.46 -20.21
CA GLU A 130 4.45 -7.71 -20.61
C GLU A 130 3.50 -8.19 -19.52
N GLU A 131 3.93 -8.09 -18.27
CA GLU A 131 3.11 -8.50 -17.13
C GLU A 131 1.82 -7.69 -17.01
N ILE A 132 1.93 -6.36 -17.22
CA ILE A 132 0.79 -5.46 -17.28
C ILE A 132 -0.17 -5.84 -18.41
N LEU A 133 0.35 -5.98 -19.63
CA LEU A 133 -0.51 -6.27 -20.80
C LEU A 133 -1.21 -7.62 -20.61
N THR A 134 -0.58 -8.53 -19.88
CA THR A 134 -1.15 -9.90 -19.72
C THR A 134 -2.10 -9.97 -18.54
N SER A 135 -1.79 -9.31 -17.41
CA SER A 135 -2.61 -9.47 -16.19
C SER A 135 -3.64 -8.37 -15.99
N PHE A 136 -3.42 -7.17 -16.53
CA PHE A 136 -4.34 -6.07 -16.23
C PHE A 136 -5.72 -6.28 -16.84
N PRO A 137 -5.89 -6.86 -18.04
CA PRO A 137 -7.25 -7.04 -18.58
C PRO A 137 -8.21 -7.70 -17.56
N ARG A 138 -7.74 -8.77 -16.95
CA ARG A 138 -8.55 -9.50 -15.93
C ARG A 138 -8.87 -8.56 -14.77
N LYS A 139 -7.87 -7.82 -14.31
CA LYS A 139 -8.08 -6.91 -13.17
C LYS A 139 -9.06 -5.78 -13.47
N LEU A 140 -9.04 -5.25 -14.72
CA LEU A 140 -9.99 -4.24 -15.14
C LEU A 140 -11.40 -4.81 -15.25
N ILE A 141 -11.53 -6.06 -15.71
CA ILE A 141 -12.83 -6.72 -15.70
C ILE A 141 -13.35 -6.85 -14.27
N ASP A 142 -12.49 -7.24 -13.33
CA ASP A 142 -12.89 -7.37 -11.92
C ASP A 142 -13.35 -6.02 -11.39
N LEU A 143 -12.63 -4.93 -11.72
CA LEU A 143 -13.07 -3.61 -11.27
C LEU A 143 -14.41 -3.23 -11.91
N ALA A 144 -14.57 -3.47 -13.21
CA ALA A 144 -15.84 -3.17 -13.88
C ALA A 144 -17.01 -3.96 -13.27
N LYS A 145 -16.79 -5.24 -12.98
CA LYS A 145 -17.83 -6.06 -12.38
C LYS A 145 -18.21 -5.48 -11.02
N PHE A 146 -17.20 -5.07 -10.25
CA PHE A 146 -17.43 -4.51 -8.93
C PHE A 146 -18.24 -3.21 -9.02
N LEU A 147 -17.89 -2.35 -9.96
CA LEU A 147 -18.59 -1.11 -10.16
C LEU A 147 -20.02 -1.38 -10.61
N GLY A 148 -20.21 -2.39 -11.47
CA GLY A 148 -21.52 -2.70 -12.01
C GLY A 148 -22.16 -1.49 -12.67
N GLU A 149 -23.39 -1.20 -12.24
CA GLU A 149 -24.20 -0.11 -12.75
C GLU A 149 -24.01 1.16 -11.93
N ASN A 150 -23.18 1.14 -10.89
CA ASN A 150 -22.98 2.29 -10.01
C ASN A 150 -22.31 3.46 -10.74
N GLN A 151 -22.62 4.67 -10.30
CA GLN A 151 -21.88 5.85 -10.68
C GLN A 151 -20.43 5.77 -10.19
N TYR A 152 -20.23 5.40 -8.92
CA TYR A 152 -18.92 5.40 -8.27
C TYR A 152 -18.80 4.07 -7.54
N ILE A 153 -17.68 3.84 -6.84
CA ILE A 153 -17.39 2.57 -6.17
C ILE A 153 -18.43 2.15 -5.14
N ILE A 154 -18.97 3.01 -4.29
CA ILE A 154 -19.94 2.55 -3.30
C ILE A 154 -21.35 2.91 -3.76
N GLY A 155 -21.49 3.38 -4.99
CA GLY A 155 -22.82 3.74 -5.46
C GLY A 155 -22.85 5.18 -5.93
N ASP A 156 -23.87 5.93 -5.47
CA ASP A 156 -24.18 7.24 -6.01
C ASP A 156 -23.25 8.33 -5.49
N ARG A 157 -22.54 8.02 -4.40
CA ARG A 157 -21.70 9.03 -3.70
C ARG A 157 -20.22 8.79 -3.99
N ILE A 158 -19.53 9.84 -4.42
CA ILE A 158 -18.12 9.73 -4.70
C ILE A 158 -17.36 9.68 -3.36
N THR A 159 -16.30 8.87 -3.32
CA THR A 159 -15.42 8.77 -2.17
C THR A 159 -13.97 8.89 -2.63
N TYR A 160 -13.04 8.94 -1.67
CA TYR A 160 -11.65 9.25 -2.01
C TYR A 160 -11.06 8.21 -2.97
N VAL A 161 -11.53 6.97 -2.86
CA VAL A 161 -11.00 5.87 -3.66
C VAL A 161 -11.29 6.08 -5.14
N ASP A 162 -12.35 6.79 -5.47
CA ASP A 162 -12.67 7.09 -6.88
C ASP A 162 -11.54 7.92 -7.52
N PHE A 163 -10.93 8.82 -6.75
CA PHE A 163 -9.79 9.63 -7.26
C PHE A 163 -8.56 8.76 -7.49
N MET A 164 -8.30 7.83 -6.59
CA MET A 164 -7.15 6.90 -6.74
C MET A 164 -7.36 6.02 -7.98
N LEU A 165 -8.57 5.47 -8.14
CA LEU A 165 -8.86 4.59 -9.30
C LEU A 165 -8.82 5.40 -10.61
N TRP A 166 -9.38 6.60 -10.63
CA TRP A 166 -9.39 7.43 -11.86
C TRP A 166 -7.95 7.73 -12.29
N SER A 167 -7.08 8.10 -11.35
CA SER A 167 -5.69 8.49 -11.70
C SER A 167 -5.00 7.32 -12.42
N ILE A 168 -5.08 6.13 -11.86
CA ILE A 168 -4.38 4.95 -12.45
C ILE A 168 -5.04 4.58 -13.79
N LEU A 169 -6.36 4.60 -13.86
CA LEU A 169 -7.07 4.31 -15.13
C LEU A 169 -6.68 5.34 -16.19
N ASP A 170 -6.53 6.61 -15.80
CA ASP A 170 -6.10 7.67 -16.74
C ASP A 170 -4.69 7.37 -17.26
N TYR A 171 -3.77 7.03 -16.36
CA TYR A 171 -2.39 6.68 -16.74
C TYR A 171 -2.41 5.49 -17.70
N LEU A 172 -3.22 4.47 -17.42
CA LEU A 172 -3.31 3.26 -18.26
C LEU A 172 -3.91 3.61 -19.63
N ARG A 173 -4.91 4.49 -19.66
CA ARG A 173 -5.51 4.93 -20.94
C ARG A 173 -4.41 5.61 -21.76
N LEU A 174 -3.54 6.37 -21.12
CA LEU A 174 -2.45 7.10 -21.83
C LEU A 174 -1.32 6.13 -22.20
N PHE A 175 -1.20 5.02 -21.48
CA PHE A 175 -0.10 4.04 -21.72
C PHE A 175 -0.54 3.01 -22.77
N GLU A 176 -1.76 2.49 -22.65
CA GLU A 176 -2.29 1.46 -23.61
C GLU A 176 -3.82 1.52 -23.55
N GLU A 177 -4.45 2.20 -24.51
CA GLU A 177 -5.89 2.42 -24.40
C GLU A 177 -6.68 1.12 -24.61
N SER A 178 -6.10 0.19 -25.39
CA SER A 178 -6.77 -1.05 -25.76
C SER A 178 -7.06 -1.92 -24.53
N LEU A 179 -6.46 -1.60 -23.39
CA LEU A 179 -6.70 -2.35 -22.13
C LEU A 179 -8.18 -2.29 -21.71
N PHE A 180 -8.94 -1.30 -22.18
CA PHE A 180 -10.36 -1.13 -21.77
C PHE A 180 -11.35 -1.79 -22.76
N ASP A 181 -10.87 -2.67 -23.65
CA ASP A 181 -11.73 -3.32 -24.67
C ASP A 181 -12.68 -4.36 -24.05
N GLU A 182 -12.51 -4.67 -22.77
CA GLU A 182 -13.46 -5.60 -22.12
C GLU A 182 -14.28 -4.88 -21.04
N ALA A 183 -14.10 -3.57 -20.86
CA ALA A 183 -14.78 -2.85 -19.75
C ALA A 183 -15.16 -1.40 -20.12
N SER A 184 -15.97 -1.19 -21.16
CA SER A 184 -16.42 0.15 -21.60
C SER A 184 -17.02 0.97 -20.44
N SER A 185 -17.55 0.31 -19.42
CA SER A 185 -18.10 1.01 -18.25
C SER A 185 -17.01 1.85 -17.58
N LEU A 186 -15.76 1.39 -17.64
CA LEU A 186 -14.62 2.12 -17.01
C LEU A 186 -14.36 3.39 -17.83
N LYS A 187 -14.63 3.34 -19.13
CA LYS A 187 -14.49 4.56 -19.97
C LYS A 187 -15.54 5.58 -19.53
N ASP A 188 -16.74 5.13 -19.24
CA ASP A 188 -17.82 6.03 -18.77
C ASP A 188 -17.46 6.57 -17.38
N TYR A 189 -16.87 5.73 -16.53
CA TYR A 189 -16.41 6.14 -15.18
C TYR A 189 -15.39 7.27 -15.34
N LEU A 190 -14.43 7.09 -16.23
CA LEU A 190 -13.40 8.12 -16.49
C LEU A 190 -14.06 9.44 -16.90
N THR A 191 -15.02 9.38 -17.82
CA THR A 191 -15.71 10.60 -18.33
C THR A 191 -16.51 11.26 -17.21
N ARG A 192 -17.22 10.47 -16.39
CA ARG A 192 -18.05 10.98 -15.27
C ARG A 192 -17.19 11.79 -14.29
N ILE A 193 -16.07 11.23 -13.84
CA ILE A 193 -15.25 11.90 -12.79
C ILE A 193 -14.55 13.13 -13.39
N GLU A 194 -14.01 13.02 -14.61
CA GLU A 194 -13.24 14.14 -15.21
C GLU A 194 -14.20 15.28 -15.55
N SER A 195 -15.50 14.99 -15.64
CA SER A 195 -16.52 16.03 -15.98
C SER A 195 -17.00 16.76 -14.73
N LEU A 196 -16.75 16.23 -13.53
CA LEU A 196 -17.11 16.96 -12.32
C LEU A 196 -16.43 18.34 -12.33
N PRO A 197 -17.14 19.43 -11.97
CA PRO A 197 -16.62 20.79 -12.20
C PRO A 197 -15.23 21.10 -11.67
N GLY A 198 -14.93 20.70 -10.42
CA GLY A 198 -13.65 21.03 -9.85
C GLY A 198 -12.51 20.28 -10.53
N ILE A 199 -12.79 19.03 -10.95
CA ILE A 199 -11.81 18.22 -11.65
C ILE A 199 -11.61 18.77 -13.08
N GLU A 200 -12.68 19.14 -13.76
CA GLU A 200 -12.60 19.69 -15.10
C GLU A 200 -11.76 20.99 -15.07
N LYS A 201 -12.01 21.85 -14.10
CA LYS A 201 -11.27 23.08 -13.95
C LYS A 201 -9.78 22.81 -13.69
N TYR A 202 -9.49 21.83 -12.85
CA TYR A 202 -8.10 21.46 -12.56
C TYR A 202 -7.42 20.91 -13.83
N ARG A 203 -8.07 19.97 -14.53
CA ARG A 203 -7.46 19.33 -15.69
C ARG A 203 -7.28 20.32 -16.84
N SER A 204 -8.12 21.34 -16.90
CA SER A 204 -7.99 22.30 -17.98
C SER A 204 -7.07 23.47 -17.57
N SER A 205 -6.46 23.45 -16.37
CA SER A 205 -5.60 24.54 -15.91
C SER A 205 -4.19 24.39 -16.49
N ASP A 206 -3.48 25.51 -16.64
CA ASP A 206 -2.07 25.55 -17.05
C ASP A 206 -1.18 24.74 -16.10
N ASP A 207 -1.39 24.90 -14.79
CA ASP A 207 -0.63 24.20 -13.76
C ASP A 207 -0.69 22.69 -13.94
N PHE A 208 -1.87 22.13 -14.29
CA PHE A 208 -2.00 20.69 -14.53
C PHE A 208 -1.38 20.27 -15.87
N LYS A 209 -1.64 21.06 -16.90
CA LYS A 209 -1.26 20.69 -18.27
C LYS A 209 0.26 20.67 -18.43
N ARG A 210 0.98 21.40 -17.56
CA ARG A 210 2.44 21.37 -17.64
C ARG A 210 3.02 20.18 -16.88
N LEU A 211 2.20 19.33 -16.26
CA LEU A 211 2.72 18.24 -15.43
C LEU A 211 2.90 17.00 -16.30
N PRO A 212 4.14 16.49 -16.39
CA PRO A 212 4.35 15.12 -16.86
C PRO A 212 3.74 14.12 -15.87
N ILE A 213 3.46 12.90 -16.34
CA ILE A 213 3.02 11.84 -15.43
C ILE A 213 4.14 11.48 -14.46
N THR A 214 5.33 11.26 -15.03
CA THR A 214 6.47 10.77 -14.22
C THR A 214 7.66 11.72 -14.27
N ALA A 215 8.69 11.44 -13.48
CA ALA A 215 9.91 12.28 -13.43
C ALA A 215 10.74 12.10 -14.70
N PRO A 216 11.65 13.04 -15.03
CA PRO A 216 12.39 13.00 -16.30
C PRO A 216 13.17 11.70 -16.61
N MET A 217 13.53 10.92 -15.60
CA MET A 217 14.35 9.69 -15.80
C MET A 217 13.48 8.49 -16.19
N ALA A 218 12.17 8.66 -16.26
CA ALA A 218 11.28 7.50 -16.50
C ALA A 218 11.29 7.02 -17.95
N LYS A 219 10.93 5.75 -18.16
CA LYS A 219 10.86 5.15 -19.51
C LYS A 219 9.52 5.51 -20.16
N PHE A 220 8.55 5.98 -19.37
CA PHE A 220 7.28 6.44 -19.90
C PHE A 220 6.79 7.59 -19.01
N GLY A 221 6.13 8.58 -19.63
CA GLY A 221 5.48 9.67 -18.87
C GLY A 221 6.37 10.85 -18.51
N GLY A 222 7.65 10.79 -18.84
CA GLY A 222 8.59 11.84 -18.40
C GLY A 222 8.39 13.17 -19.10
N SER A 223 7.67 13.16 -20.22
CA SER A 223 7.41 14.43 -20.95
C SER A 223 5.90 14.59 -21.11
N ILE A 224 5.41 15.81 -20.98
CA ILE A 224 3.95 16.03 -21.25
C ILE A 224 3.73 15.84 -22.75
N ALA B 2 -17.54 -20.11 12.25
CA ALA B 2 -16.22 -19.50 12.54
C ALA B 2 -15.65 -18.85 11.27
N PRO B 3 -15.00 -17.69 11.40
CA PRO B 3 -14.38 -17.04 10.25
C PRO B 3 -13.29 -17.90 9.60
N ILE B 4 -13.08 -17.72 8.30
CA ILE B 4 -12.03 -18.47 7.59
C ILE B 4 -10.97 -17.50 7.04
N LEU B 5 -9.71 -17.75 7.35
CA LEU B 5 -8.61 -16.95 6.76
C LEU B 5 -7.89 -17.88 5.77
N GLY B 6 -7.82 -17.46 4.51
CA GLY B 6 -7.18 -18.28 3.48
C GLY B 6 -5.82 -17.74 3.09
N TYR B 7 -4.83 -18.62 3.01
CA TYR B 7 -3.48 -18.20 2.55
C TYR B 7 -2.58 -19.40 2.32
N TRP B 8 -1.46 -19.16 1.63
CA TRP B 8 -0.43 -20.15 1.45
C TRP B 8 0.08 -20.61 2.81
N LYS B 9 0.79 -21.74 2.82
CA LYS B 9 1.38 -22.26 4.07
C LYS B 9 2.73 -21.55 4.29
N ILE B 10 2.72 -20.22 4.31
CA ILE B 10 3.95 -19.43 4.58
C ILE B 10 3.53 -18.25 5.47
N ARG B 11 4.50 -17.57 6.08
CA ARG B 11 4.16 -16.35 6.85
C ARG B 11 3.76 -15.28 5.83
N GLY B 12 4.69 -14.89 4.94
CA GLY B 12 4.39 -13.95 3.86
C GLY B 12 3.64 -12.71 4.34
N LEU B 13 2.65 -12.28 3.54
CA LEU B 13 1.87 -11.06 3.73
C LEU B 13 0.83 -11.23 4.82
N CYS B 14 0.51 -12.48 5.16
CA CYS B 14 -0.60 -12.76 6.05
C CYS B 14 -0.14 -12.75 7.50
N ASP B 15 1.19 -12.67 7.71
CA ASP B 15 1.78 -12.77 9.04
C ASP B 15 1.14 -11.77 10.02
N PRO B 16 1.07 -10.47 9.72
CA PRO B 16 0.46 -9.54 10.67
C PRO B 16 -0.98 -9.85 11.02
N ILE B 17 -1.76 -10.36 10.07
CA ILE B 17 -3.15 -10.74 10.34
C ILE B 17 -3.16 -11.86 11.37
N ARG B 18 -2.28 -12.86 11.21
CA ARG B 18 -2.29 -13.99 12.11
C ARG B 18 -1.78 -13.58 13.50
N LEU B 19 -0.86 -12.61 13.54
CA LEU B 19 -0.39 -12.09 14.81
C LEU B 19 -1.51 -11.35 15.55
N LEU B 20 -2.27 -10.52 14.82
CA LEU B 20 -3.41 -9.83 15.39
C LEU B 20 -4.45 -10.80 15.93
N LEU B 21 -4.81 -11.83 15.11
CA LEU B 21 -5.75 -12.85 15.54
C LEU B 21 -5.22 -13.62 16.76
N ALA B 22 -3.92 -13.91 16.84
CA ALA B 22 -3.36 -14.55 18.03
C ALA B 22 -3.49 -13.65 19.25
N HIS B 23 -3.14 -12.35 19.09
CA HIS B 23 -3.31 -11.40 20.19
C HIS B 23 -4.75 -11.37 20.71
N THR B 24 -5.72 -11.31 19.81
CA THR B 24 -7.11 -11.13 20.22
C THR B 24 -7.70 -12.43 20.72
N GLY B 25 -7.11 -13.58 20.38
CA GLY B 25 -7.68 -14.85 20.74
C GLY B 25 -8.91 -15.22 19.91
N GLN B 26 -9.09 -14.59 18.76
CA GLN B 26 -10.27 -14.87 17.91
C GLN B 26 -10.20 -16.28 17.33
N GLU B 27 -11.28 -17.06 17.48
CA GLU B 27 -11.39 -18.36 16.85
C GLU B 27 -11.56 -18.16 15.34
N TYR B 28 -10.83 -18.98 14.59
CA TYR B 28 -10.91 -18.93 13.15
C TYR B 28 -10.34 -20.21 12.58
N GLU B 29 -10.80 -20.52 11.37
CA GLU B 29 -10.23 -21.59 10.59
C GLU B 29 -9.17 -21.00 9.68
N MET B 30 -7.98 -21.61 9.73
CA MET B 30 -6.92 -21.30 8.80
C MET B 30 -7.05 -22.28 7.63
N LYS B 31 -7.47 -21.79 6.47
CA LYS B 31 -7.47 -22.56 5.22
C LYS B 31 -6.13 -22.34 4.51
N GLU B 32 -5.31 -23.40 4.47
CA GLU B 32 -3.96 -23.32 3.94
C GLU B 32 -3.90 -23.97 2.57
N TYR B 33 -3.24 -23.29 1.62
CA TYR B 33 -3.06 -23.84 0.28
C TYR B 33 -1.61 -24.22 0.10
N SER B 34 -1.42 -25.47 -0.31
CA SER B 34 -0.12 -26.04 -0.59
C SER B 34 0.45 -25.46 -1.88
N ILE B 35 1.78 -25.39 -1.89
CA ILE B 35 2.53 -25.25 -3.11
C ILE B 35 3.26 -26.57 -3.32
N GLY B 36 3.04 -27.21 -4.48
CA GLY B 36 3.68 -28.48 -4.79
C GLY B 36 5.20 -28.35 -4.89
N PRO B 37 5.93 -29.49 -5.02
CA PRO B 37 7.39 -29.44 -5.16
C PRO B 37 7.91 -28.84 -6.47
N GLU B 38 9.16 -28.41 -6.45
CA GLU B 38 9.78 -27.92 -7.69
C GLU B 38 10.07 -29.17 -8.54
N PRO B 39 9.95 -29.07 -9.87
CA PRO B 39 9.90 -27.77 -10.56
C PRO B 39 8.53 -27.13 -10.84
N GLY B 40 7.44 -27.89 -10.67
CA GLY B 40 6.13 -27.44 -11.10
C GLY B 40 5.45 -26.45 -10.14
N TYR B 41 5.89 -26.43 -8.86
CA TYR B 41 5.27 -25.58 -7.85
C TYR B 41 3.75 -25.51 -8.00
N ASP B 42 3.13 -26.69 -8.03
CA ASP B 42 1.71 -26.87 -8.29
C ASP B 42 0.85 -26.17 -7.23
N ILE B 43 -0.15 -25.40 -7.69
CA ILE B 43 -1.02 -24.66 -6.79
C ILE B 43 -2.48 -24.88 -7.17
N SER B 44 -2.84 -26.11 -7.52
CA SER B 44 -4.11 -26.35 -8.19
C SER B 44 -5.30 -26.22 -7.23
N GLU B 45 -5.08 -26.53 -5.95
CA GLU B 45 -6.11 -26.42 -4.92
C GLU B 45 -6.55 -24.95 -4.82
N TRP B 46 -5.63 -24.00 -4.93
CA TRP B 46 -6.01 -22.59 -4.96
C TRP B 46 -6.66 -22.23 -6.30
N LEU B 47 -6.03 -22.63 -7.42
CA LEU B 47 -6.47 -22.20 -8.74
C LEU B 47 -7.89 -22.71 -9.02
N ASP B 48 -8.23 -23.88 -8.48
CA ASP B 48 -9.56 -24.46 -8.61
C ASP B 48 -10.63 -23.71 -7.83
N GLU B 49 -10.25 -22.97 -6.79
CA GLU B 49 -11.19 -22.30 -5.90
C GLU B 49 -11.19 -20.77 -6.07
N LYS B 50 -10.09 -20.22 -6.62
CA LYS B 50 -9.88 -18.78 -6.72
C LYS B 50 -11.17 -18.04 -7.11
N PHE B 51 -11.83 -18.56 -8.16
CA PHE B 51 -12.99 -17.92 -8.76
C PHE B 51 -14.32 -18.53 -8.29
N ASN B 52 -14.33 -19.41 -7.28
CA ASN B 52 -15.58 -20.00 -6.81
C ASN B 52 -15.84 -19.75 -5.32
N LEU B 53 -15.33 -18.63 -4.79
CA LEU B 53 -15.49 -18.30 -3.38
C LEU B 53 -16.36 -17.05 -3.19
N GLY B 54 -16.84 -16.44 -4.28
CA GLY B 54 -17.68 -15.25 -4.18
C GLY B 54 -16.87 -13.97 -3.91
N LEU B 55 -15.56 -14.01 -4.13
CA LEU B 55 -14.69 -12.88 -3.87
C LEU B 55 -14.79 -11.88 -5.02
N ASP B 56 -14.86 -10.60 -4.66
CA ASP B 56 -14.89 -9.54 -5.67
C ASP B 56 -13.56 -9.44 -6.41
N PHE B 57 -12.44 -9.58 -5.67
CA PHE B 57 -11.10 -9.44 -6.20
C PHE B 57 -10.31 -10.65 -5.76
N PRO B 58 -10.51 -11.81 -6.44
CA PRO B 58 -10.01 -13.09 -5.94
C PRO B 58 -8.51 -13.02 -5.72
N ASN B 59 -8.08 -13.45 -4.53
CA ASN B 59 -6.68 -13.31 -4.15
C ASN B 59 -6.48 -14.00 -2.79
N LEU B 60 -5.20 -14.18 -2.43
CA LEU B 60 -4.79 -14.63 -1.12
C LEU B 60 -3.93 -13.52 -0.53
N PRO B 61 -4.11 -13.15 0.77
CA PRO B 61 -5.13 -13.76 1.64
C PRO B 61 -6.59 -13.33 1.39
N TYR B 62 -7.50 -14.17 1.85
CA TYR B 62 -8.91 -13.85 1.91
C TYR B 62 -9.42 -14.10 3.31
N TYR B 63 -10.52 -13.43 3.64
CA TYR B 63 -11.16 -13.58 4.93
C TYR B 63 -12.66 -13.64 4.66
N ILE B 64 -13.25 -14.74 5.11
CA ILE B 64 -14.65 -15.00 4.89
C ILE B 64 -15.30 -15.31 6.24
N ASP B 65 -16.31 -14.52 6.59
CA ASP B 65 -17.13 -14.76 7.76
C ASP B 65 -18.59 -14.79 7.31
N LYS B 66 -19.11 -16.00 7.08
CA LYS B 66 -20.47 -16.19 6.59
C LYS B 66 -21.51 -15.62 7.56
N ASP B 67 -21.29 -15.81 8.87
CA ASP B 67 -22.18 -15.31 9.89
C ASP B 67 -22.32 -13.79 9.87
N GLU B 68 -21.22 -13.06 9.64
CA GLU B 68 -21.28 -11.60 9.62
C GLU B 68 -21.61 -11.07 8.21
N GLY B 69 -21.67 -11.97 7.22
CA GLY B 69 -21.87 -11.59 5.83
C GLY B 69 -20.67 -10.87 5.19
N VAL B 70 -19.41 -11.22 5.54
CA VAL B 70 -18.29 -10.52 4.92
C VAL B 70 -17.40 -11.49 4.16
N LYS B 71 -16.87 -10.96 3.05
CA LYS B 71 -15.88 -11.63 2.21
C LYS B 71 -14.90 -10.58 1.73
N ILE B 72 -13.64 -10.70 2.14
CA ILE B 72 -12.66 -9.65 1.95
C ILE B 72 -11.40 -10.26 1.36
N THR B 73 -10.80 -9.58 0.39
CA THR B 73 -9.41 -9.76 0.04
C THR B 73 -8.73 -8.41 0.22
N GLN B 74 -7.43 -8.41 -0.08
CA GLN B 74 -6.52 -7.30 0.10
C GLN B 74 -6.09 -7.27 1.57
N THR B 75 -4.83 -7.64 1.81
CA THR B 75 -4.27 -7.73 3.18
C THR B 75 -4.62 -6.54 4.07
N VAL B 76 -4.46 -5.31 3.58
CA VAL B 76 -4.68 -4.09 4.40
C VAL B 76 -6.17 -3.95 4.74
N ALA B 77 -7.06 -4.24 3.79
CA ALA B 77 -8.51 -4.19 4.06
C ALA B 77 -8.90 -5.21 5.14
N ILE B 78 -8.31 -6.40 5.10
CA ILE B 78 -8.61 -7.46 6.12
C ILE B 78 -8.12 -7.00 7.50
N ILE B 79 -6.88 -6.53 7.59
CA ILE B 79 -6.32 -6.18 8.92
C ILE B 79 -7.09 -4.98 9.50
N ARG B 80 -7.45 -4.01 8.66
CA ARG B 80 -8.22 -2.83 9.13
C ARG B 80 -9.62 -3.27 9.59
N TYR B 81 -10.27 -4.16 8.86
CA TYR B 81 -11.59 -4.70 9.27
C TYR B 81 -11.45 -5.35 10.66
N LEU B 82 -10.43 -6.19 10.82
CA LEU B 82 -10.22 -6.92 12.10
C LEU B 82 -9.87 -5.92 13.21
N ALA B 83 -9.09 -4.90 12.88
CA ALA B 83 -8.70 -3.87 13.87
C ALA B 83 -9.94 -3.14 14.38
N ARG B 84 -10.81 -2.70 13.47
CA ARG B 84 -12.05 -2.00 13.88
C ARG B 84 -12.90 -2.94 14.74
N LYS B 85 -13.05 -4.19 14.31
CA LYS B 85 -13.87 -5.19 15.05
C LYS B 85 -13.31 -5.44 16.46
N HIS B 86 -11.98 -5.45 16.60
CA HIS B 86 -11.34 -5.80 17.90
C HIS B 86 -10.86 -4.56 18.66
N GLY B 87 -11.18 -3.36 18.17
CA GLY B 87 -10.81 -2.15 18.88
C GLY B 87 -9.31 -1.88 18.87
N LEU B 88 -8.64 -2.13 17.74
CA LEU B 88 -7.16 -1.97 17.65
C LEU B 88 -6.84 -0.81 16.70
N VAL B 89 -7.69 0.21 16.72
CA VAL B 89 -7.52 1.39 15.82
C VAL B 89 -7.34 2.64 16.68
N GLY B 90 -7.17 3.79 16.04
CA GLY B 90 -6.98 5.06 16.77
C GLY B 90 -8.22 5.52 17.50
N GLU B 91 -8.04 6.18 18.65
CA GLU B 91 -9.17 6.72 19.44
C GLU B 91 -9.23 8.23 19.22
N SER B 92 -8.44 8.76 18.30
CA SER B 92 -8.41 10.20 17.96
C SER B 92 -7.87 10.34 16.53
N ASP B 93 -8.08 11.47 15.88
CA ASP B 93 -7.49 11.65 14.52
C ASP B 93 -5.97 11.75 14.65
N GLU B 94 -5.50 12.31 15.75
CA GLU B 94 -4.03 12.36 15.96
C GLU B 94 -3.49 10.92 15.94
N GLU B 95 -4.12 10.05 16.72
CA GLU B 95 -3.68 8.63 16.77
C GLU B 95 -3.83 8.02 15.37
N THR B 96 -4.93 8.29 14.69
CA THR B 96 -5.21 7.66 13.37
C THR B 96 -4.14 8.07 12.34
N ILE B 97 -3.78 9.36 12.30
CA ILE B 97 -2.75 9.85 11.34
C ILE B 97 -1.41 9.12 11.59
N LYS B 98 -1.01 9.00 12.86
CA LYS B 98 0.26 8.33 13.22
C LYS B 98 0.23 6.86 12.79
N ILE B 99 -0.89 6.19 13.07
CA ILE B 99 -1.06 4.75 12.73
C ILE B 99 -0.98 4.57 11.21
N GLU B 100 -1.63 5.44 10.46
CA GLU B 100 -1.67 5.31 8.99
C GLU B 100 -0.31 5.64 8.36
N MET B 101 0.40 6.61 8.93
CA MET B 101 1.76 6.91 8.43
C MET B 101 2.66 5.68 8.64
N VAL B 102 2.60 5.08 9.82
CA VAL B 102 3.43 3.88 10.14
C VAL B 102 2.96 2.68 9.31
N GLU B 103 1.64 2.55 9.10
CA GLU B 103 1.10 1.46 8.25
C GLU B 103 1.79 1.54 6.88
N GLN B 104 1.84 2.73 6.31
CA GLN B 104 2.43 2.93 4.97
C GLN B 104 3.95 2.71 4.99
N GLN B 105 4.61 3.16 6.05
CA GLN B 105 6.08 2.97 6.20
C GLN B 105 6.39 1.47 6.29
N ALA B 106 5.60 0.73 7.07
CA ALA B 106 5.80 -0.73 7.21
C ALA B 106 5.59 -1.43 5.87
N ILE B 107 4.54 -1.06 5.14
CA ILE B 107 4.24 -1.66 3.81
C ILE B 107 5.39 -1.36 2.83
N GLU B 108 5.90 -0.14 2.85
CA GLU B 108 7.00 0.26 1.94
C GLU B 108 8.21 -0.65 2.18
N LEU B 109 8.58 -0.86 3.45
CA LEU B 109 9.70 -1.75 3.79
C LEU B 109 9.38 -3.18 3.35
N THR B 110 8.14 -3.62 3.55
CA THR B 110 7.73 -5.01 3.22
C THR B 110 7.79 -5.25 1.70
N LEU B 111 7.33 -4.30 0.90
CA LEU B 111 7.30 -4.46 -0.57
C LEU B 111 8.72 -4.49 -1.13
N THR B 112 9.60 -3.67 -0.57
CA THR B 112 11.01 -3.65 -1.01
C THR B 112 11.63 -5.01 -0.72
N CYS B 113 11.39 -5.55 0.47
CA CYS B 113 11.91 -6.89 0.83
C CYS B 113 11.28 -7.97 -0.05
N LYS B 114 9.97 -7.88 -0.32
CA LYS B 114 9.27 -8.88 -1.16
C LYS B 114 9.87 -8.89 -2.56
N ARG B 115 10.11 -7.72 -3.14
CA ARG B 115 10.73 -7.61 -4.48
C ARG B 115 12.11 -8.27 -4.45
N ALA B 116 12.89 -8.03 -3.40
CA ALA B 116 14.24 -8.62 -3.29
C ALA B 116 14.15 -10.14 -3.11
N PHE B 117 13.28 -10.62 -2.25
CA PHE B 117 13.20 -12.07 -1.94
C PHE B 117 12.74 -12.86 -3.17
N TYR B 118 11.90 -12.26 -4.02
CA TYR B 118 11.35 -12.98 -5.19
C TYR B 118 12.06 -12.49 -6.45
N SER B 119 13.27 -11.97 -6.30
CA SER B 119 14.07 -11.52 -7.46
C SER B 119 14.30 -12.70 -8.41
N LYS B 120 14.29 -12.45 -9.72
CA LYS B 120 14.43 -13.54 -10.72
C LYS B 120 15.89 -13.99 -10.83
N ASP B 121 16.82 -13.04 -10.85
CA ASP B 121 18.24 -13.40 -11.06
C ASP B 121 19.08 -12.91 -9.88
N ASP B 122 20.31 -13.42 -9.77
CA ASP B 122 21.19 -13.02 -8.64
C ASP B 122 21.60 -11.55 -8.80
N ASP B 123 21.55 -11.01 -10.02
CA ASP B 123 21.88 -9.58 -10.26
C ASP B 123 20.82 -8.69 -9.62
N GLN B 124 19.54 -8.99 -9.87
CA GLN B 124 18.43 -8.18 -9.30
C GLN B 124 18.43 -8.31 -7.77
N PHE B 125 18.67 -9.51 -7.26
CA PHE B 125 18.68 -9.72 -5.79
C PHE B 125 19.78 -8.85 -5.19
N ASN B 126 20.95 -8.84 -5.82
CA ASN B 126 22.11 -8.08 -5.27
C ASN B 126 21.80 -6.59 -5.37
N GLN B 127 21.20 -6.16 -6.47
CA GLN B 127 20.84 -4.73 -6.66
C GLN B 127 19.85 -4.30 -5.57
N LEU B 128 18.82 -5.10 -5.35
CA LEU B 128 17.76 -4.74 -4.37
C LEU B 128 18.33 -4.88 -2.95
N LYS B 129 19.20 -5.86 -2.73
CA LYS B 129 19.85 -6.01 -1.41
C LYS B 129 20.68 -4.76 -1.11
N GLU B 130 21.35 -4.22 -2.12
CA GLU B 130 22.21 -3.03 -1.92
C GLU B 130 21.35 -1.85 -1.50
N GLU B 131 20.20 -1.67 -2.16
CA GLU B 131 19.27 -0.56 -1.84
C GLU B 131 18.79 -0.70 -0.39
N ILE B 132 18.44 -1.92 0.02
CA ILE B 132 18.00 -2.19 1.41
C ILE B 132 19.13 -1.87 2.40
N LEU B 133 20.32 -2.41 2.15
CA LEU B 133 21.48 -2.21 3.08
C LEU B 133 21.85 -0.73 3.12
N THR B 134 21.56 0.00 2.05
CA THR B 134 21.93 1.43 1.99
C THR B 134 20.81 2.32 2.53
N SER B 135 19.54 2.02 2.24
CA SER B 135 18.42 2.93 2.60
C SER B 135 17.73 2.57 3.92
N PHE B 136 17.64 1.30 4.26
CA PHE B 136 16.88 0.85 5.47
C PHE B 136 17.46 1.42 6.78
N PRO B 137 18.78 1.55 6.98
CA PRO B 137 19.27 2.11 8.24
C PRO B 137 18.61 3.45 8.61
N ARG B 138 18.51 4.37 7.65
CA ARG B 138 17.88 5.69 7.88
C ARG B 138 16.41 5.49 8.26
N LYS B 139 15.72 4.59 7.57
CA LYS B 139 14.27 4.33 7.80
C LYS B 139 14.05 3.71 9.17
N LEU B 140 14.96 2.83 9.59
CA LEU B 140 14.85 2.22 10.93
C LEU B 140 15.10 3.28 12.01
N ILE B 141 16.01 4.23 11.76
CA ILE B 141 16.25 5.34 12.72
C ILE B 141 14.98 6.20 12.78
N ASP B 142 14.37 6.49 11.63
CA ASP B 142 13.11 7.28 11.60
C ASP B 142 12.03 6.57 12.44
N LEU B 143 11.91 5.25 12.28
CA LEU B 143 10.92 4.48 13.05
C LEU B 143 11.26 4.52 14.55
N ALA B 144 12.53 4.36 14.90
CA ALA B 144 12.97 4.41 16.32
C ALA B 144 12.68 5.79 16.91
N LYS B 145 12.96 6.85 16.15
CA LYS B 145 12.70 8.22 16.62
C LYS B 145 11.19 8.42 16.84
N PHE B 146 10.37 7.89 15.93
CA PHE B 146 8.91 8.04 16.05
C PHE B 146 8.43 7.29 17.31
N LEU B 147 8.93 6.09 17.52
CA LEU B 147 8.54 5.29 18.70
C LEU B 147 9.00 6.01 19.96
N GLY B 148 10.21 6.55 19.93
CA GLY B 148 10.76 7.21 21.12
C GLY B 148 10.78 6.29 22.31
N GLU B 149 10.22 6.74 23.42
CA GLU B 149 10.23 5.95 24.66
C GLU B 149 8.91 5.19 24.82
N ASN B 150 8.12 5.14 23.75
CA ASN B 150 6.79 4.49 23.80
C ASN B 150 6.92 2.96 23.78
N GLN B 151 5.95 2.28 24.39
CA GLN B 151 5.89 0.81 24.30
C GLN B 151 5.51 0.44 22.87
N TYR B 152 4.59 1.18 22.27
CA TYR B 152 4.06 0.86 20.92
C TYR B 152 3.92 2.17 20.12
N ILE B 153 3.46 2.08 18.86
CA ILE B 153 3.40 3.27 17.96
C ILE B 153 2.64 4.45 18.58
N ILE B 154 1.49 4.22 19.22
CA ILE B 154 0.71 5.37 19.76
C ILE B 154 0.81 5.39 21.29
N GLY B 155 1.82 4.72 21.85
CA GLY B 155 2.04 4.78 23.29
C GLY B 155 1.89 3.44 23.98
N ASP B 156 1.20 3.43 25.11
CA ASP B 156 1.03 2.19 25.92
C ASP B 156 0.03 1.24 25.25
N ARG B 157 -0.74 1.72 24.29
CA ARG B 157 -1.81 0.87 23.69
C ARG B 157 -1.34 0.27 22.36
N ILE B 158 -1.42 -1.05 22.29
CA ILE B 158 -1.04 -1.76 21.03
C ILE B 158 -2.13 -1.53 19.98
N THR B 159 -1.73 -1.34 18.73
CA THR B 159 -2.68 -1.14 17.60
C THR B 159 -2.30 -2.12 16.48
N TYR B 160 -3.11 -2.21 15.43
CA TYR B 160 -2.87 -3.19 14.34
C TYR B 160 -1.52 -2.96 13.66
N VAL B 161 -1.10 -1.69 13.55
CA VAL B 161 0.17 -1.35 12.84
C VAL B 161 1.36 -1.98 13.56
N ASP B 162 1.26 -2.16 14.88
CA ASP B 162 2.34 -2.81 15.65
C ASP B 162 2.61 -4.23 15.13
N PHE B 163 1.55 -4.95 14.74
CA PHE B 163 1.71 -6.31 14.18
C PHE B 163 2.36 -6.23 12.80
N MET B 164 1.97 -5.24 12.00
CA MET B 164 2.56 -5.05 10.64
C MET B 164 4.05 -4.70 10.78
N LEU B 165 4.38 -3.79 11.69
CA LEU B 165 5.79 -3.36 11.89
C LEU B 165 6.62 -4.51 12.48
N TRP B 166 6.07 -5.22 13.45
CA TRP B 166 6.79 -6.37 14.05
C TRP B 166 7.13 -7.40 12.98
N SER B 167 6.14 -7.74 12.15
CA SER B 167 6.35 -8.78 11.11
C SER B 167 7.55 -8.40 10.22
N ILE B 168 7.58 -7.18 9.71
CA ILE B 168 8.66 -6.79 8.75
C ILE B 168 10.00 -6.68 9.49
N LEU B 169 10.00 -6.11 10.69
CA LEU B 169 11.25 -6.01 11.51
C LEU B 169 11.77 -7.42 11.80
N ASP B 170 10.88 -8.37 12.11
CA ASP B 170 11.29 -9.77 12.38
C ASP B 170 11.96 -10.35 11.12
N TYR B 171 11.35 -10.14 9.95
CA TYR B 171 11.93 -10.63 8.68
C TYR B 171 13.31 -10.00 8.47
N LEU B 172 13.43 -8.69 8.72
CA LEU B 172 14.68 -7.98 8.54
C LEU B 172 15.73 -8.48 9.52
N ARG B 173 15.32 -8.72 10.77
CA ARG B 173 16.19 -9.29 11.76
C ARG B 173 16.76 -10.63 11.26
N LEU B 174 15.91 -11.46 10.64
CA LEU B 174 16.31 -12.76 10.09
C LEU B 174 17.14 -12.59 8.81
N PHE B 175 16.87 -11.54 8.03
CA PHE B 175 17.58 -11.32 6.74
C PHE B 175 18.95 -10.69 7.00
N GLU B 176 18.97 -9.51 7.63
CA GLU B 176 20.24 -8.80 7.91
C GLU B 176 20.22 -8.31 9.36
N GLU B 177 20.69 -9.14 10.28
CA GLU B 177 20.69 -8.78 11.72
C GLU B 177 21.44 -7.47 11.95
N SER B 178 22.53 -7.22 11.22
CA SER B 178 23.35 -6.01 11.45
C SER B 178 22.48 -4.75 11.43
N LEU B 179 21.37 -4.78 10.70
CA LEU B 179 20.42 -3.63 10.75
C LEU B 179 19.79 -3.56 12.15
N PHE B 180 19.62 -4.71 12.82
CA PHE B 180 18.94 -4.74 14.14
C PHE B 180 19.88 -5.19 15.27
N ASP B 181 20.87 -6.03 14.96
CA ASP B 181 21.81 -6.55 15.98
C ASP B 181 22.09 -5.47 17.04
N GLU B 182 22.29 -4.22 16.61
CA GLU B 182 22.64 -3.12 17.56
C GLU B 182 21.54 -2.07 17.56
N ALA B 183 20.45 -2.30 16.80
CA ALA B 183 19.29 -1.39 16.85
C ALA B 183 18.60 -1.61 18.19
N SER B 184 18.98 -0.86 19.21
CA SER B 184 18.48 -1.15 20.58
C SER B 184 16.97 -0.98 20.77
N SER B 185 16.39 0.18 20.48
CA SER B 185 14.95 0.40 20.79
C SER B 185 14.05 -0.56 20.00
N LEU B 186 14.38 -0.81 18.74
CA LEU B 186 13.55 -1.70 17.88
C LEU B 186 13.65 -3.14 18.38
N LYS B 187 14.82 -3.54 18.87
CA LYS B 187 14.99 -4.90 19.45
C LYS B 187 14.07 -5.04 20.67
N ASP B 188 14.03 -4.03 21.52
CA ASP B 188 13.14 -4.05 22.72
C ASP B 188 11.69 -4.12 22.25
N TYR B 189 11.35 -3.38 21.21
CA TYR B 189 9.98 -3.40 20.63
C TYR B 189 9.67 -4.83 20.19
N LEU B 190 10.60 -5.47 19.47
CA LEU B 190 10.40 -6.86 18.99
C LEU B 190 10.19 -7.79 20.19
N THR B 191 11.02 -7.67 21.21
CA THR B 191 10.93 -8.54 22.41
C THR B 191 9.62 -8.29 23.16
N ARG B 192 9.22 -7.03 23.29
CA ARG B 192 7.96 -6.66 23.99
C ARG B 192 6.77 -7.38 23.36
N ILE B 193 6.62 -7.29 22.05
CA ILE B 193 5.43 -7.88 21.36
C ILE B 193 5.50 -9.41 21.41
N GLU B 194 6.69 -9.99 21.23
CA GLU B 194 6.81 -11.47 21.19
C GLU B 194 6.59 -12.03 22.60
N SER B 195 6.61 -11.16 23.62
CA SER B 195 6.39 -11.60 25.03
C SER B 195 4.89 -11.57 25.39
N LEU B 196 4.05 -10.94 24.56
CA LEU B 196 2.58 -10.96 24.80
C LEU B 196 2.10 -12.41 24.78
N PRO B 197 1.22 -12.84 25.70
CA PRO B 197 0.85 -14.24 25.80
C PRO B 197 0.28 -14.89 24.52
N GLY B 198 -0.62 -14.20 23.81
CA GLY B 198 -1.19 -14.75 22.59
C GLY B 198 -0.13 -14.88 21.48
N ILE B 199 0.82 -13.94 21.45
CA ILE B 199 1.90 -13.98 20.47
C ILE B 199 2.89 -15.10 20.80
N GLU B 200 3.23 -15.26 22.09
CA GLU B 200 4.09 -16.34 22.54
C GLU B 200 3.51 -17.69 22.14
N LYS B 201 2.22 -17.87 22.45
CA LYS B 201 1.53 -19.12 22.12
C LYS B 201 1.56 -19.40 20.61
N TYR B 202 1.32 -18.37 19.78
CA TYR B 202 1.31 -18.55 18.35
C TYR B 202 2.71 -18.93 17.83
N ARG B 203 3.73 -18.16 18.26
CA ARG B 203 5.09 -18.34 17.76
C ARG B 203 5.69 -19.67 18.24
N SER B 204 5.20 -20.17 19.37
CA SER B 204 5.75 -21.41 19.85
C SER B 204 4.92 -22.61 19.35
N SER B 205 3.89 -22.39 18.50
CA SER B 205 3.03 -23.48 18.02
C SER B 205 3.72 -24.18 16.84
N ASP B 206 3.42 -25.48 16.66
CA ASP B 206 3.88 -26.26 15.52
C ASP B 206 3.44 -25.65 14.19
N ASP B 207 2.16 -25.22 14.11
CA ASP B 207 1.61 -24.59 12.92
C ASP B 207 2.45 -23.40 12.45
N PHE B 208 2.94 -22.55 13.38
CA PHE B 208 3.77 -21.41 13.03
C PHE B 208 5.19 -21.84 12.64
N LYS B 209 5.76 -22.75 13.45
CA LYS B 209 7.17 -23.09 13.32
C LYS B 209 7.44 -23.80 12.00
N ARG B 210 6.41 -24.43 11.41
CA ARG B 210 6.60 -25.09 10.12
C ARG B 210 6.47 -24.10 8.96
N LEU B 211 6.18 -22.81 9.21
CA LEU B 211 5.95 -21.87 8.11
C LEU B 211 7.28 -21.26 7.68
N PRO B 212 7.68 -21.43 6.40
CA PRO B 212 8.71 -20.58 5.82
C PRO B 212 8.21 -19.12 5.75
N ILE B 213 9.14 -18.17 5.64
CA ILE B 213 8.74 -16.79 5.45
C ILE B 213 8.11 -16.62 4.07
N THR B 214 8.76 -17.19 3.05
CA THR B 214 8.41 -16.97 1.65
C THR B 214 8.10 -18.30 0.97
N ALA B 215 7.52 -18.20 -0.24
CA ALA B 215 7.20 -19.37 -1.06
C ALA B 215 8.49 -20.00 -1.58
N PRO B 216 8.43 -21.27 -2.04
CA PRO B 216 9.64 -22.02 -2.43
C PRO B 216 10.53 -21.45 -3.54
N MET B 217 9.99 -20.50 -4.33
CA MET B 217 10.74 -19.92 -5.48
C MET B 217 11.57 -18.70 -5.05
N ALA B 218 11.41 -18.24 -3.82
CA ALA B 218 12.12 -17.04 -3.33
C ALA B 218 13.62 -17.32 -3.21
N LYS B 219 14.41 -16.24 -3.32
CA LYS B 219 15.88 -16.33 -3.14
C LYS B 219 16.17 -16.31 -1.64
N PHE B 220 15.24 -15.82 -0.82
CA PHE B 220 15.42 -15.84 0.62
C PHE B 220 14.09 -16.24 1.27
N GLY B 221 14.16 -16.98 2.39
CA GLY B 221 12.95 -17.30 3.18
C GLY B 221 12.18 -18.55 2.81
N GLY B 222 12.56 -19.26 1.75
CA GLY B 222 11.76 -20.40 1.29
C GLY B 222 11.89 -21.62 2.18
N SER B 223 12.78 -21.58 3.18
CA SER B 223 13.03 -22.77 4.02
C SER B 223 12.69 -22.48 5.48
N ILE B 224 11.79 -23.25 6.07
CA ILE B 224 11.36 -23.07 7.49
C ILE B 224 11.89 -21.72 7.99
S1 WK6 C . 6.82 9.56 -5.93
C1 WK6 C . 2.57 6.06 -11.28
C2 WK6 C . 3.39 6.78 -12.13
C3 WK6 C . 4.42 7.59 -11.66
C4 WK6 C . 4.70 7.76 -10.33
C5 WK6 C . 3.87 7.05 -9.47
C6 WK6 C . 2.82 6.24 -9.93
C7 WK6 C . 5.86 8.66 -9.90
N1 WK6 C . 5.99 8.88 -8.45
C8 WK6 C . 7.02 9.37 -7.66
S2 WK6 C . 8.40 9.74 -8.37
C9 WK6 C . 6.60 6.87 -0.79
C10 WK6 C . 6.88 8.24 -1.38
C11 WK6 C . 7.82 8.16 -2.58
O1 WK6 C . 8.20 7.08 -3.07
N2 WK6 C . 8.15 9.36 -3.05
C12 WK6 C . 9.01 9.66 -4.19
C13 WK6 C . 8.16 10.45 -5.20
C14 WK6 C . 10.14 10.57 -3.77
O2 WK6 C . 10.76 11.18 -4.58
N3 WK6 C . 10.43 10.73 -2.47
C15 WK6 C . 11.45 11.66 -1.99
C16 WK6 C . 12.58 11.01 -1.23
O3 WK6 C . 12.72 9.77 -1.30
O4 WK6 C . 13.26 11.81 -0.56
C17 WK6 C . 5.77 6.88 0.52
C18 WK6 C . 4.37 7.32 0.10
O5 WK6 C . 4.13 8.54 -0.15
O6 WK6 C . 3.52 6.41 -0.05
N4 WK6 C . 5.80 5.52 1.12
S1 WK6 D . 1.42 -4.20 -4.44
C1 WK6 D . 1.93 -5.23 2.80
C2 WK6 D . 2.73 -5.20 1.68
C3 WK6 D . 2.16 -5.37 0.43
C4 WK6 D . 0.80 -5.60 0.30
C5 WK6 D . 0.01 -5.62 1.43
C6 WK6 D . 0.58 -5.44 2.69
C7 WK6 D . 0.18 -5.79 -1.08
N1 WK6 D . 0.77 -4.93 -2.08
C8 WK6 D . 1.37 -5.41 -3.17
S2 WK6 D . 1.99 -6.95 -3.30
C9 WK6 D . 0.24 -9.28 -7.72
C10 WK6 D . 0.23 -8.10 -6.76
C11 WK6 D . 1.47 -7.24 -6.94
O1 WK6 D . 2.60 -7.70 -6.82
N2 WK6 D . 1.26 -5.95 -7.23
C12 WK6 D . 2.23 -4.89 -7.02
C13 WK6 D . 2.69 -4.84 -5.57
C14 WK6 D . 3.45 -4.93 -7.94
O2 WK6 D . 4.20 -3.95 -7.97
N3 WK6 D . 3.65 -6.04 -8.64
C15 WK6 D . 4.33 -6.04 -9.92
C16 WK6 D . 5.77 -5.54 -9.84
O3 WK6 D . 6.55 -6.14 -9.08
O4 WK6 D . 6.06 -4.55 -10.53
C17 WK6 D . -0.66 -10.44 -7.29
C18 WK6 D . -2.11 -10.24 -7.75
O5 WK6 D . -2.57 -11.07 -8.56
O6 WK6 D . -2.73 -9.27 -7.28
N4 WK6 D . -0.14 -11.73 -7.83
C1 MLI E . 0.32 1.22 0.55
C2 MLI E . -0.87 0.27 0.60
C3 MLI E . 1.45 0.74 -0.33
O6 MLI E . -1.86 0.58 1.34
O7 MLI E . -0.78 -0.74 -0.14
O8 MLI E . 1.30 -0.34 -0.94
O9 MLI E . 2.47 1.43 -0.37
S1 WK6 F . 1.55 -12.99 -1.29
C1 WK6 F . 7.61 -10.22 2.63
C2 WK6 F . 6.38 -9.93 2.07
C3 WK6 F . 5.62 -10.90 1.38
C4 WK6 F . 6.08 -12.19 1.23
C5 WK6 F . 7.31 -12.46 1.81
C6 WK6 F . 8.07 -11.50 2.50
C7 WK6 F . 5.34 -13.30 0.50
N1 WK6 F . 3.98 -12.98 -0.01
C8 WK6 F . 3.14 -13.61 -0.94
S2 WK6 F . 3.68 -14.93 -1.68
C9 WK6 F . -1.91 -8.70 -3.25
C10 WK6 F . -1.89 -10.14 -2.73
C11 WK6 F . -0.82 -10.99 -3.42
O1 WK6 F . 0.00 -10.45 -4.15
N2 WK6 F . -0.89 -12.31 -3.14
C12 WK6 F . 0.02 -13.35 -3.62
C13 WK6 F . 0.60 -14.04 -2.36
C14 WK6 F . -0.70 -14.41 -4.40
O2 WK6 F . -0.16 -15.44 -4.76
N3 WK6 F . -2.00 -14.25 -4.66
C15 WK6 F . -2.82 -15.25 -5.33
C16 WK6 F . -3.01 -15.00 -6.81
O3 WK6 F . -3.89 -15.73 -7.31
O4 WK6 F . -2.36 -14.11 -7.44
C17 WK6 F . -3.18 -7.97 -2.82
C18 WK6 F . -3.13 -7.84 -1.27
O5 WK6 F . -2.78 -6.68 -0.91
O6 WK6 F . -3.38 -8.81 -0.46
N4 WK6 F . -3.20 -6.61 -3.49
C1 MLI G . -1.05 -0.68 -0.22
C2 MLI G . -0.58 0.45 0.68
C3 MLI G . 0.03 -1.38 -1.04
O6 MLI G . -1.40 0.90 1.54
O7 MLI G . 0.61 0.87 0.50
O8 MLI G . 1.16 -0.87 -1.06
O9 MLI G . -0.28 -2.42 -1.62
S1 WK6 H . 5.90 1.21 -1.81
C1 WK6 H . -0.13 4.37 -4.49
C2 WK6 H . -0.04 5.13 -3.35
C3 WK6 H . 1.13 5.09 -2.60
C4 WK6 H . 2.19 4.29 -2.98
C5 WK6 H . 2.08 3.54 -4.13
C6 WK6 H . 0.91 3.58 -4.88
C7 WK6 H . 3.46 4.26 -2.16
N1 WK6 H . 4.04 2.94 -2.07
C8 WK6 H . 5.29 2.69 -2.50
S2 WK6 H . 6.12 3.65 -3.57
C9 WK6 H . 9.96 4.93 -1.54
C10 WK6 H . 10.57 3.54 -1.45
C11 WK6 H . 9.75 2.54 -2.25
O1 WK6 H . 9.58 2.66 -3.46
N2 WK6 H . 9.24 1.52 -1.55
C12 WK6 H . 8.54 0.37 -2.13
C13 WK6 H . 7.29 0.80 -2.89
C14 WK6 H . 9.39 -0.54 -3.00
O2 WK6 H . 8.95 -1.64 -3.32
N3 WK6 H . 10.58 -0.08 -3.39
C15 WK6 H . 11.55 -0.94 -4.05
C16 WK6 H . 11.10 -1.42 -5.43
O3 WK6 H . 10.00 -0.99 -5.86
O4 WK6 H . 11.85 -2.19 -6.03
C17 WK6 H . 11.00 6.06 -1.64
C18 WK6 H . 11.69 6.31 -0.30
O5 WK6 H . 12.94 6.21 -0.27
O6 WK6 H . 10.96 6.63 0.66
N4 WK6 H . 12.02 5.72 -2.67
C1 MLI I . 10.37 -2.61 29.46
C2 MLI I . 9.74 -1.23 29.50
C3 MLI I . 10.14 -3.09 28.05
O6 MLI I . 8.94 -0.97 30.44
O7 MLI I . 10.04 -0.44 28.58
O8 MLI I . 11.11 -3.08 27.27
O9 MLI I . 8.99 -3.38 27.73
C1 MLI J . 0.01 -27.18 17.97
C2 MLI J . -0.34 -26.17 16.89
C3 MLI J . 0.95 -26.54 18.99
O6 MLI J . 0.57 -25.81 16.13
O7 MLI J . -1.50 -25.74 16.83
O8 MLI J . 2.09 -26.99 19.08
O9 MLI J . 0.51 -25.61 19.67
#